data_2R6N
#
_entry.id   2R6N
#
_cell.length_a   62.400
_cell.length_b   62.400
_cell.length_c   121.800
_cell.angle_alpha   90.000
_cell.angle_beta   90.000
_cell.angle_gamma   120.000
#
_symmetry.space_group_name_H-M   'P 61'
#
loop_
_entity.id
_entity.type
_entity.pdbx_description
1 polymer 'Cathepsin K'
2 non-polymer 1-{7-cyclohexyl-6-[4-(4-methylpiperazin-1-yl)benzyl]-7H-pyrrolo[2,3-d]pyrimidin-2-yl}methanamine
3 water water
#
_entity_poly.entity_id   1
_entity_poly.type   'polypeptide(L)'
_entity_poly.pdbx_seq_one_letter_code
;GRAPDSVDYRKKGYVTPVKNQGQCGSCWAFSSVGALEGQLKKKTGKLLNLSPQNLVDCVSENDGCGGGYMTNAFQYVQKN
RGIDSEDAYPYVGQEESCMYNPTGKAAKCRGYREIPEGNEKALKRAVARVGPVSVAIDASLTSFQFYSKGVYYDESCNSD
NLNHAVLAVGYGIQKGNKHWIIKNSWGENWGNKGYILMARNKNNACGIANLASFPKM
;
_entity_poly.pdbx_strand_id   A
#
# COMPACT_ATOMS: atom_id res chain seq x y z
N ARG A 2 -9.36 13.96 -20.54
CA ARG A 2 -8.04 13.82 -19.89
C ARG A 2 -8.18 13.42 -18.42
N ALA A 3 -7.11 12.89 -17.85
CA ALA A 3 -7.10 12.48 -16.45
C ALA A 3 -6.89 13.72 -15.59
N PRO A 4 -7.48 13.75 -14.39
CA PRO A 4 -7.33 14.90 -13.49
C PRO A 4 -5.85 15.21 -13.23
N ASP A 5 -5.55 16.48 -12.96
CA ASP A 5 -4.18 16.88 -12.67
C ASP A 5 -3.86 16.68 -11.20
N SER A 6 -4.90 16.43 -10.41
N SER A 6 -4.91 16.42 -10.41
CA SER A 6 -4.74 16.20 -8.98
CA SER A 6 -4.77 16.21 -8.98
C SER A 6 -5.83 15.25 -8.48
C SER A 6 -5.84 15.24 -8.49
N VAL A 7 -5.42 14.29 -7.66
CA VAL A 7 -6.33 13.29 -7.10
C VAL A 7 -5.87 13.00 -5.67
N ASP A 8 -6.81 12.98 -4.73
CA ASP A 8 -6.47 12.71 -3.33
C ASP A 8 -7.62 11.88 -2.74
N TYR A 9 -7.44 10.57 -2.71
CA TYR A 9 -8.46 9.67 -2.20
C TYR A 9 -8.79 9.83 -0.72
N ARG A 10 -7.93 10.51 0.02
CA ARG A 10 -8.18 10.74 1.43
C ARG A 10 -9.42 11.63 1.55
N LYS A 11 -9.55 12.58 0.61
CA LYS A 11 -10.67 13.51 0.59
C LYS A 11 -11.97 12.86 0.11
N LYS A 12 -11.85 11.76 -0.63
CA LYS A 12 -13.02 11.07 -1.14
C LYS A 12 -13.51 9.99 -0.17
N GLY A 13 -12.80 9.81 0.93
CA GLY A 13 -13.20 8.81 1.92
C GLY A 13 -12.89 7.38 1.54
N TYR A 14 -11.80 7.17 0.80
CA TYR A 14 -11.38 5.85 0.35
C TYR A 14 -10.22 5.30 1.18
N VAL A 15 -9.71 6.12 2.09
CA VAL A 15 -8.55 5.73 2.89
C VAL A 15 -8.81 5.67 4.40
N THR A 16 -8.44 4.55 5.01
CA THR A 16 -8.62 4.37 6.45
C THR A 16 -7.47 5.05 7.18
N PRO A 17 -7.58 5.19 8.51
CA PRO A 17 -6.50 5.83 9.27
C PRO A 17 -5.15 5.14 9.12
N VAL A 18 -4.08 5.88 9.34
CA VAL A 18 -2.73 5.35 9.26
C VAL A 18 -2.50 4.37 10.41
N LYS A 19 -1.88 3.23 10.11
CA LYS A 19 -1.60 2.21 11.11
C LYS A 19 -0.11 2.11 11.40
N ASN A 20 0.24 1.35 12.43
CA ASN A 20 1.65 1.15 12.78
C ASN A 20 1.92 -0.35 12.77
N GLN A 21 2.75 -0.80 11.83
CA GLN A 21 3.08 -2.22 11.68
C GLN A 21 3.98 -2.79 12.78
N GLY A 22 4.57 -1.93 13.59
CA GLY A 22 5.45 -2.41 14.65
C GLY A 22 6.75 -2.98 14.11
N GLN A 23 7.28 -4.01 14.76
N GLN A 23 7.29 -4.01 14.77
CA GLN A 23 8.55 -4.62 14.35
CA GLN A 23 8.56 -4.62 14.35
C GLN A 23 8.40 -5.68 13.26
C GLN A 23 8.41 -5.69 13.27
N CYS A 24 7.17 -6.11 13.02
CA CYS A 24 6.87 -7.13 12.01
C CYS A 24 7.04 -6.56 10.59
N GLY A 25 7.70 -7.31 9.72
CA GLY A 25 7.90 -6.85 8.35
C GLY A 25 6.65 -7.13 7.53
N SER A 26 5.55 -6.52 7.95
CA SER A 26 4.26 -6.71 7.30
C SER A 26 3.83 -5.56 6.39
N CYS A 27 4.77 -4.74 5.97
CA CYS A 27 4.44 -3.61 5.10
C CYS A 27 3.62 -4.09 3.91
N TRP A 28 3.95 -5.28 3.39
CA TRP A 28 3.23 -5.84 2.25
C TRP A 28 1.76 -6.11 2.57
N ALA A 29 1.48 -6.48 3.82
CA ALA A 29 0.12 -6.77 4.23
C ALA A 29 -0.69 -5.47 4.37
N PHE A 30 -0.07 -4.43 4.93
CA PHE A 30 -0.78 -3.16 5.07
C PHE A 30 -1.01 -2.54 3.70
N SER A 31 -0.02 -2.68 2.82
CA SER A 31 -0.14 -2.14 1.47
C SER A 31 -1.29 -2.83 0.74
N SER A 32 -1.35 -4.16 0.85
CA SER A 32 -2.41 -4.93 0.20
C SER A 32 -3.78 -4.57 0.74
N VAL A 33 -3.91 -4.56 2.07
CA VAL A 33 -5.17 -4.22 2.72
C VAL A 33 -5.63 -2.82 2.30
N GLY A 34 -4.69 -1.88 2.22
CA GLY A 34 -5.04 -0.52 1.82
C GLY A 34 -5.67 -0.47 0.45
N ALA A 35 -5.14 -1.26 -0.48
CA ALA A 35 -5.67 -1.28 -1.84
C ALA A 35 -7.06 -1.91 -1.86
N LEU A 36 -7.25 -2.95 -1.06
CA LEU A 36 -8.55 -3.63 -0.98
C LEU A 36 -9.58 -2.71 -0.32
N GLU A 37 -9.16 -1.95 0.69
CA GLU A 37 -10.06 -1.04 1.38
C GLU A 37 -10.59 0.00 0.40
N GLY A 38 -9.72 0.46 -0.50
CA GLY A 38 -10.13 1.44 -1.48
C GLY A 38 -11.17 0.90 -2.45
N GLN A 39 -10.96 -0.33 -2.93
CA GLN A 39 -11.90 -0.94 -3.85
C GLN A 39 -13.22 -1.28 -3.16
N LEU A 40 -13.15 -1.69 -1.90
CA LEU A 40 -14.35 -2.04 -1.15
C LEU A 40 -15.24 -0.79 -1.05
N LYS A 41 -14.64 0.34 -0.70
CA LYS A 41 -15.37 1.59 -0.58
C LYS A 41 -16.00 1.99 -1.90
N LYS A 42 -15.23 1.83 -2.97
CA LYS A 42 -15.70 2.17 -4.30
C LYS A 42 -16.88 1.31 -4.75
N LYS A 43 -16.83 0.02 -4.40
CA LYS A 43 -17.88 -0.90 -4.79
C LYS A 43 -19.12 -0.95 -3.89
N THR A 44 -18.92 -0.85 -2.58
CA THR A 44 -20.04 -0.92 -1.65
C THR A 44 -20.38 0.40 -0.97
N GLY A 45 -19.55 1.41 -1.17
CA GLY A 45 -19.79 2.70 -0.55
C GLY A 45 -19.43 2.71 0.92
N LYS A 46 -18.95 1.58 1.43
CA LYS A 46 -18.57 1.47 2.84
C LYS A 46 -17.07 1.38 3.04
N LEU A 47 -16.56 2.12 4.03
CA LEU A 47 -15.13 2.11 4.34
C LEU A 47 -14.92 1.42 5.68
N LEU A 48 -14.04 0.43 5.70
CA LEU A 48 -13.77 -0.26 6.96
C LEU A 48 -12.37 -0.86 6.94
N ASN A 49 -11.80 -1.07 8.12
CA ASN A 49 -10.46 -1.63 8.23
C ASN A 49 -10.46 -3.13 7.97
N LEU A 50 -9.60 -3.55 7.05
CA LEU A 50 -9.48 -4.97 6.73
C LEU A 50 -8.29 -5.49 7.56
N SER A 51 -8.17 -6.80 7.65
CA SER A 51 -7.12 -7.40 8.48
C SER A 51 -5.77 -7.77 7.88
N PRO A 52 -4.72 -7.00 8.22
CA PRO A 52 -3.41 -7.36 7.68
C PRO A 52 -2.89 -8.62 8.37
N GLN A 53 -3.35 -8.86 9.61
CA GLN A 53 -2.90 -10.03 10.37
C GLN A 53 -3.36 -11.31 9.67
N ASN A 54 -4.57 -11.26 9.12
CA ASN A 54 -5.16 -12.37 8.39
C ASN A 54 -4.18 -12.76 7.28
N LEU A 55 -3.61 -11.75 6.62
CA LEU A 55 -2.65 -11.99 5.54
C LEU A 55 -1.31 -12.51 6.06
N VAL A 56 -0.80 -11.88 7.11
CA VAL A 56 0.47 -12.30 7.71
C VAL A 56 0.45 -13.76 8.14
N ASP A 57 -0.63 -14.17 8.81
CA ASP A 57 -0.76 -15.54 9.31
C ASP A 57 -1.16 -16.58 8.27
N CYS A 58 -1.85 -16.17 7.22
CA CYS A 58 -2.37 -17.13 6.26
C CYS A 58 -1.83 -17.23 4.83
N VAL A 59 -1.10 -16.23 4.36
CA VAL A 59 -0.58 -16.31 2.99
C VAL A 59 0.69 -17.17 3.01
N SER A 60 0.51 -18.46 2.77
CA SER A 60 1.63 -19.39 2.81
C SER A 60 2.74 -19.09 1.80
N GLU A 61 2.40 -18.43 0.70
CA GLU A 61 3.39 -18.09 -0.31
C GLU A 61 4.31 -16.95 0.14
N ASN A 62 3.93 -16.23 1.17
CA ASN A 62 4.75 -15.15 1.68
C ASN A 62 5.45 -15.60 2.96
N ASP A 63 6.31 -14.74 3.51
N ASP A 63 6.32 -14.76 3.52
CA ASP A 63 7.07 -15.10 4.71
CA ASP A 63 7.06 -15.12 4.73
C ASP A 63 6.64 -14.38 5.99
C ASP A 63 6.63 -14.40 6.01
N GLY A 64 5.34 -14.13 6.15
CA GLY A 64 4.84 -13.48 7.33
C GLY A 64 5.56 -12.19 7.69
N CYS A 65 6.12 -12.13 8.90
CA CYS A 65 6.84 -10.94 9.34
C CYS A 65 8.22 -10.83 8.69
N GLY A 66 8.54 -11.80 7.84
CA GLY A 66 9.82 -11.78 7.15
C GLY A 66 9.73 -11.12 5.79
N GLY A 67 8.52 -10.82 5.35
CA GLY A 67 8.31 -10.18 4.06
C GLY A 67 7.35 -10.95 3.17
N GLY A 68 7.06 -10.39 1.99
CA GLY A 68 6.14 -11.04 1.06
C GLY A 68 5.71 -10.09 -0.04
N TYR A 69 5.03 -10.60 -1.06
CA TYR A 69 4.55 -9.76 -2.16
C TYR A 69 3.06 -9.46 -2.05
N MET A 70 2.66 -8.30 -2.54
CA MET A 70 1.25 -7.90 -2.51
C MET A 70 0.45 -8.75 -3.48
N THR A 71 1.04 -9.10 -4.62
CA THR A 71 0.34 -9.93 -5.60
C THR A 71 -0.04 -11.27 -4.98
N ASN A 72 0.83 -11.82 -4.14
CA ASN A 72 0.53 -13.09 -3.48
C ASN A 72 -0.62 -12.90 -2.50
N ALA A 73 -0.70 -11.72 -1.89
CA ALA A 73 -1.76 -11.42 -0.93
C ALA A 73 -3.10 -11.36 -1.65
N PHE A 74 -3.14 -10.70 -2.80
CA PHE A 74 -4.39 -10.60 -3.55
C PHE A 74 -4.84 -11.98 -4.02
N GLN A 75 -3.88 -12.78 -4.46
CA GLN A 75 -4.16 -14.14 -4.94
C GLN A 75 -4.80 -14.96 -3.82
N TYR A 76 -4.29 -14.80 -2.60
CA TYR A 76 -4.83 -15.51 -1.44
C TYR A 76 -6.30 -15.15 -1.20
N VAL A 77 -6.59 -13.85 -1.16
CA VAL A 77 -7.94 -13.39 -0.94
C VAL A 77 -8.89 -13.97 -1.98
N GLN A 78 -8.43 -14.05 -3.23
CA GLN A 78 -9.25 -14.60 -4.31
C GLN A 78 -9.52 -16.09 -4.09
N LYS A 79 -8.45 -16.87 -3.92
CA LYS A 79 -8.58 -18.31 -3.70
C LYS A 79 -9.28 -18.66 -2.40
N ASN A 80 -9.02 -17.87 -1.36
CA ASN A 80 -9.63 -18.10 -0.06
C ASN A 80 -11.09 -17.66 -0.03
N ARG A 81 -11.49 -16.91 -1.06
CA ARG A 81 -12.86 -16.40 -1.17
C ARG A 81 -13.19 -15.37 -0.11
N GLY A 82 -12.18 -14.62 0.34
CA GLY A 82 -12.44 -13.60 1.34
C GLY A 82 -11.31 -13.26 2.31
N ILE A 83 -11.45 -12.12 2.96
CA ILE A 83 -10.48 -11.65 3.96
C ILE A 83 -11.31 -11.07 5.10
N ASP A 84 -10.86 -11.30 6.34
CA ASP A 84 -11.60 -10.78 7.49
C ASP A 84 -11.38 -9.31 7.75
N SER A 85 -12.29 -8.71 8.51
CA SER A 85 -12.19 -7.31 8.88
C SER A 85 -11.16 -7.27 10.00
N GLU A 86 -10.66 -6.07 10.30
CA GLU A 86 -9.68 -5.89 11.36
C GLU A 86 -10.31 -6.25 12.71
N ASP A 87 -11.55 -5.82 12.92
CA ASP A 87 -12.23 -6.11 14.18
C ASP A 87 -12.33 -7.61 14.44
N ALA A 88 -12.54 -8.39 13.40
CA ALA A 88 -12.67 -9.84 13.54
C ALA A 88 -11.34 -10.57 13.68
N TYR A 89 -10.27 -10.00 13.14
CA TYR A 89 -8.94 -10.62 13.19
C TYR A 89 -7.93 -9.50 13.45
N PRO A 90 -7.85 -9.03 14.71
CA PRO A 90 -6.97 -7.95 15.16
C PRO A 90 -5.48 -8.09 14.88
N TYR A 91 -4.80 -6.97 14.67
CA TYR A 91 -3.38 -6.99 14.40
C TYR A 91 -2.59 -7.18 15.70
N VAL A 92 -1.65 -8.11 15.70
N VAL A 92 -1.66 -8.12 15.69
CA VAL A 92 -0.83 -8.38 16.87
CA VAL A 92 -0.83 -8.38 16.88
C VAL A 92 0.62 -8.02 16.61
C VAL A 92 0.63 -8.06 16.62
N GLY A 93 1.03 -8.09 15.35
CA GLY A 93 2.40 -7.77 14.99
C GLY A 93 3.37 -8.92 15.16
N GLN A 94 2.84 -10.13 15.17
N GLN A 94 2.83 -10.13 15.16
CA GLN A 94 3.65 -11.33 15.31
CA GLN A 94 3.64 -11.33 15.30
C GLN A 94 2.99 -12.46 14.52
C GLN A 94 2.98 -12.47 14.52
N GLU A 95 3.80 -13.34 13.94
CA GLU A 95 3.30 -14.47 13.17
C GLU A 95 2.67 -15.51 14.08
N GLU A 96 1.47 -15.96 13.72
N GLU A 96 1.46 -15.95 13.73
CA GLU A 96 0.77 -16.97 14.49
CA GLU A 96 0.76 -16.97 14.50
C GLU A 96 0.00 -17.84 13.50
C GLU A 96 0.02 -17.85 13.49
N SER A 97 -0.46 -19.01 13.94
CA SER A 97 -1.19 -19.92 13.06
C SER A 97 -2.41 -19.22 12.47
N CYS A 98 -2.72 -19.57 11.23
CA CYS A 98 -3.85 -18.98 10.53
C CYS A 98 -5.18 -19.23 11.25
N MET A 99 -5.92 -18.16 11.51
CA MET A 99 -7.20 -18.24 12.20
C MET A 99 -8.32 -17.60 11.39
N TYR A 100 -8.23 -17.70 10.07
CA TYR A 100 -9.27 -17.12 9.21
C TYR A 100 -10.62 -17.78 9.49
N ASN A 101 -11.67 -16.99 9.49
CA ASN A 101 -13.02 -17.49 9.71
C ASN A 101 -13.99 -16.73 8.81
N PRO A 102 -14.79 -17.46 8.02
CA PRO A 102 -15.77 -16.87 7.09
C PRO A 102 -16.75 -15.90 7.76
N THR A 103 -17.05 -16.15 9.03
CA THR A 103 -17.99 -15.29 9.76
C THR A 103 -17.57 -13.82 9.75
N GLY A 104 -16.27 -13.57 9.78
CA GLY A 104 -15.78 -12.20 9.80
C GLY A 104 -15.39 -11.64 8.44
N LYS A 105 -15.75 -12.36 7.38
CA LYS A 105 -15.42 -11.94 6.01
C LYS A 105 -15.97 -10.53 5.77
N ALA A 106 -15.15 -9.65 5.19
CA ALA A 106 -15.59 -8.28 4.92
C ALA A 106 -15.35 -7.84 3.48
N ALA A 107 -14.61 -8.64 2.73
CA ALA A 107 -14.33 -8.30 1.33
C ALA A 107 -13.88 -9.51 0.55
N LYS A 108 -14.02 -9.44 -0.77
CA LYS A 108 -13.61 -10.51 -1.65
C LYS A 108 -12.72 -9.90 -2.73
N CYS A 109 -12.08 -10.76 -3.51
CA CYS A 109 -11.19 -10.31 -4.56
C CYS A 109 -11.34 -11.23 -5.77
N ARG A 110 -11.37 -10.65 -6.97
CA ARG A 110 -11.52 -11.44 -8.18
C ARG A 110 -10.22 -11.54 -8.97
N GLY A 111 -9.14 -11.05 -8.38
CA GLY A 111 -7.86 -11.10 -9.05
C GLY A 111 -7.10 -9.79 -8.88
N TYR A 112 -6.07 -9.60 -9.70
CA TYR A 112 -5.28 -8.38 -9.61
C TYR A 112 -4.63 -8.07 -10.95
N ARG A 113 -4.10 -6.86 -11.07
CA ARG A 113 -3.43 -6.42 -12.28
C ARG A 113 -2.13 -5.76 -11.85
N GLU A 114 -1.09 -5.92 -12.66
CA GLU A 114 0.19 -5.32 -12.34
C GLU A 114 0.47 -4.17 -13.30
N ILE A 115 1.09 -3.12 -12.78
CA ILE A 115 1.44 -1.97 -13.61
C ILE A 115 2.73 -2.27 -14.35
N PRO A 116 2.80 -1.97 -15.66
CA PRO A 116 4.03 -2.24 -16.42
C PRO A 116 5.22 -1.66 -15.68
N GLU A 117 6.30 -2.43 -15.59
N GLU A 117 6.30 -2.43 -15.59
CA GLU A 117 7.50 -2.00 -14.87
CA GLU A 117 7.50 -2.00 -14.88
C GLU A 117 8.08 -0.64 -15.28
C GLU A 117 8.07 -0.64 -15.28
N GLY A 118 8.23 0.24 -14.29
CA GLY A 118 8.79 1.55 -14.53
C GLY A 118 7.95 2.58 -15.25
N ASN A 119 6.70 2.26 -15.55
CA ASN A 119 5.81 3.18 -16.28
C ASN A 119 4.99 4.05 -15.33
N GLU A 120 5.45 5.29 -15.07
CA GLU A 120 4.70 6.17 -14.18
C GLU A 120 3.41 6.68 -14.80
N LYS A 121 3.34 6.73 -16.12
CA LYS A 121 2.12 7.19 -16.77
C LYS A 121 1.02 6.16 -16.53
N ALA A 122 1.38 4.88 -16.59
CA ALA A 122 0.41 3.80 -16.36
C ALA A 122 -0.03 3.82 -14.89
N LEU A 123 0.89 4.12 -13.99
CA LEU A 123 0.57 4.19 -12.58
C LEU A 123 -0.40 5.34 -12.36
N LYS A 124 -0.16 6.45 -13.05
CA LYS A 124 -1.03 7.62 -12.93
C LYS A 124 -2.45 7.25 -13.36
N ARG A 125 -2.57 6.55 -14.49
CA ARG A 125 -3.88 6.16 -14.99
C ARG A 125 -4.62 5.30 -13.97
N ALA A 126 -3.93 4.32 -13.39
CA ALA A 126 -4.53 3.43 -12.41
C ALA A 126 -4.99 4.17 -11.16
N VAL A 127 -4.16 5.07 -10.64
CA VAL A 127 -4.56 5.82 -9.44
C VAL A 127 -5.79 6.68 -9.77
N ALA A 128 -5.79 7.27 -10.96
CA ALA A 128 -6.88 8.13 -11.38
C ALA A 128 -8.20 7.39 -11.67
N ARG A 129 -8.11 6.27 -12.39
CA ARG A 129 -9.30 5.52 -12.76
C ARG A 129 -9.70 4.34 -11.89
N VAL A 130 -8.76 3.78 -11.14
CA VAL A 130 -9.08 2.62 -10.30
C VAL A 130 -9.18 3.00 -8.82
N GLY A 131 -8.10 3.57 -8.29
CA GLY A 131 -8.08 3.96 -6.89
C GLY A 131 -6.70 3.74 -6.30
N PRO A 132 -6.57 3.70 -4.98
CA PRO A 132 -5.26 3.49 -4.33
C PRO A 132 -4.54 2.27 -4.92
N VAL A 133 -3.24 2.41 -5.15
CA VAL A 133 -2.43 1.33 -5.74
C VAL A 133 -1.28 0.92 -4.82
N SER A 134 -1.04 -0.39 -4.70
CA SER A 134 0.05 -0.90 -3.87
C SER A 134 1.34 -0.71 -4.65
N VAL A 135 2.37 -0.18 -3.99
CA VAL A 135 3.66 0.04 -4.65
C VAL A 135 4.81 -0.30 -3.71
N ALA A 136 5.98 -0.57 -4.29
CA ALA A 136 7.19 -0.87 -3.52
C ALA A 136 8.21 0.21 -3.83
N ILE A 137 9.06 0.53 -2.86
CA ILE A 137 10.07 1.56 -3.03
C ILE A 137 11.33 1.25 -2.24
N ASP A 138 12.34 2.10 -2.45
CA ASP A 138 13.59 2.00 -1.73
C ASP A 138 13.40 3.01 -0.59
N ALA A 139 13.26 2.51 0.63
CA ALA A 139 13.07 3.37 1.78
C ALA A 139 14.26 3.24 2.74
N SER A 140 15.42 2.90 2.19
CA SER A 140 16.62 2.68 3.01
C SER A 140 17.42 3.92 3.39
N LEU A 141 17.14 5.06 2.76
CA LEU A 141 17.90 6.27 3.04
C LEU A 141 17.47 7.01 4.30
N THR A 142 18.45 7.58 5.00
N THR A 142 18.44 7.58 5.02
CA THR A 142 18.18 8.33 6.22
CA THR A 142 18.12 8.31 6.23
C THR A 142 17.24 9.49 5.90
C THR A 142 17.20 9.48 5.90
N SER A 143 17.36 10.05 4.70
CA SER A 143 16.52 11.16 4.28
C SER A 143 15.05 10.75 4.23
N PHE A 144 14.79 9.49 3.89
CA PHE A 144 13.41 8.99 3.83
C PHE A 144 12.96 8.68 5.24
N GLN A 145 13.83 8.03 6.00
CA GLN A 145 13.53 7.66 7.39
C GLN A 145 13.06 8.85 8.23
N PHE A 146 13.74 9.99 8.06
CA PHE A 146 13.42 11.18 8.82
C PHE A 146 12.67 12.27 8.06
N TYR A 147 11.97 11.87 7.00
CA TYR A 147 11.19 12.81 6.21
C TYR A 147 10.19 13.56 7.09
N SER A 148 9.98 14.84 6.80
CA SER A 148 9.03 15.64 7.58
C SER A 148 8.07 16.41 6.69
N LYS A 149 8.59 17.03 5.63
CA LYS A 149 7.74 17.82 4.73
C LYS A 149 8.34 18.00 3.34
N GLY A 150 7.53 18.51 2.43
CA GLY A 150 7.98 18.76 1.06
C GLY A 150 7.90 17.56 0.14
N VAL A 151 8.33 17.75 -1.10
CA VAL A 151 8.32 16.67 -2.08
C VAL A 151 9.65 15.95 -1.93
N TYR A 152 9.60 14.70 -1.49
CA TYR A 152 10.79 13.90 -1.28
C TYR A 152 11.50 13.48 -2.56
N TYR A 153 12.79 13.80 -2.63
CA TYR A 153 13.61 13.42 -3.77
C TYR A 153 15.07 13.33 -3.31
N ASP A 154 15.68 12.19 -3.54
CA ASP A 154 17.08 12.00 -3.15
C ASP A 154 17.80 11.28 -4.28
N GLU A 155 18.84 11.91 -4.81
CA GLU A 155 19.61 11.34 -5.92
C GLU A 155 20.18 9.96 -5.62
N SER A 156 20.30 9.63 -4.33
CA SER A 156 20.84 8.34 -3.94
C SER A 156 19.82 7.21 -3.87
N CYS A 157 18.54 7.50 -4.12
CA CYS A 157 17.55 6.43 -4.08
C CYS A 157 17.86 5.48 -5.21
N ASN A 158 17.72 4.18 -4.94
CA ASN A 158 18.02 3.16 -5.93
C ASN A 158 16.73 2.44 -6.36
N SER A 159 16.29 2.71 -7.58
CA SER A 159 15.07 2.10 -8.09
C SER A 159 15.12 0.57 -8.16
N ASP A 160 16.31 0.01 -8.09
CA ASP A 160 16.46 -1.45 -8.14
C ASP A 160 16.55 -2.06 -6.75
N ASN A 161 16.54 -1.21 -5.73
CA ASN A 161 16.63 -1.66 -4.35
C ASN A 161 15.28 -1.52 -3.65
N LEU A 162 14.33 -2.38 -4.01
CA LEU A 162 13.00 -2.36 -3.40
C LEU A 162 13.07 -3.07 -2.06
N ASN A 163 12.72 -2.35 -0.99
CA ASN A 163 12.81 -2.93 0.34
C ASN A 163 11.66 -2.56 1.28
N HIS A 164 10.61 -1.96 0.74
CA HIS A 164 9.47 -1.55 1.56
C HIS A 164 8.24 -1.41 0.66
N ALA A 165 7.06 -1.62 1.22
CA ALA A 165 5.83 -1.51 0.46
C ALA A 165 4.91 -0.49 1.10
N VAL A 166 4.32 0.37 0.26
CA VAL A 166 3.42 1.41 0.74
C VAL A 166 2.20 1.48 -0.16
N LEU A 167 1.43 2.55 -0.03
CA LEU A 167 0.21 2.72 -0.81
C LEU A 167 0.11 4.11 -1.44
N ALA A 168 -0.12 4.17 -2.74
CA ALA A 168 -0.26 5.44 -3.44
C ALA A 168 -1.74 5.79 -3.39
N VAL A 169 -2.09 6.88 -2.71
CA VAL A 169 -3.48 7.28 -2.57
C VAL A 169 -3.85 8.54 -3.34
N GLY A 170 -2.93 9.00 -4.19
CA GLY A 170 -3.19 10.19 -4.98
C GLY A 170 -1.94 10.76 -5.62
N TYR A 171 -2.10 11.91 -6.27
CA TYR A 171 -0.97 12.58 -6.90
C TYR A 171 -1.36 14.03 -7.10
N GLY A 172 -0.37 14.90 -7.16
CA GLY A 172 -0.65 16.30 -7.35
C GLY A 172 0.61 17.11 -7.60
N ILE A 173 0.57 18.36 -7.17
CA ILE A 173 1.68 19.28 -7.34
C ILE A 173 1.86 20.12 -6.08
N GLN A 174 3.11 20.39 -5.73
CA GLN A 174 3.41 21.23 -4.58
C GLN A 174 4.52 22.18 -4.99
N LYS A 175 4.22 23.48 -4.99
CA LYS A 175 5.19 24.50 -5.38
C LYS A 175 5.87 24.13 -6.70
N GLY A 176 5.06 23.80 -7.69
CA GLY A 176 5.59 23.46 -9.00
C GLY A 176 6.15 22.06 -9.21
N ASN A 177 6.31 21.30 -8.13
CA ASN A 177 6.85 19.94 -8.21
C ASN A 177 5.76 18.87 -8.18
N LYS A 178 5.75 18.00 -9.16
CA LYS A 178 4.75 16.93 -9.22
C LYS A 178 5.11 15.84 -8.22
N HIS A 179 4.11 15.23 -7.60
CA HIS A 179 4.36 14.21 -6.60
C HIS A 179 3.30 13.14 -6.54
N TRP A 180 3.60 12.11 -5.75
CA TRP A 180 2.70 10.98 -5.48
C TRP A 180 2.38 11.13 -4.00
N ILE A 181 1.13 10.89 -3.60
CA ILE A 181 0.77 10.96 -2.19
C ILE A 181 0.86 9.52 -1.69
N ILE A 182 1.77 9.29 -0.75
CA ILE A 182 2.03 7.96 -0.23
C ILE A 182 1.65 7.74 1.23
N LYS A 183 0.89 6.69 1.48
CA LYS A 183 0.47 6.33 2.84
C LYS A 183 1.43 5.26 3.34
N ASN A 184 2.10 5.53 4.45
CA ASN A 184 3.05 4.57 5.02
C ASN A 184 2.33 3.83 6.16
N SER A 185 3.01 2.87 6.78
CA SER A 185 2.43 2.11 7.89
C SER A 185 3.36 2.10 9.10
N TRP A 186 3.96 3.26 9.38
CA TRP A 186 4.88 3.40 10.51
C TRP A 186 4.28 4.31 11.58
N GLY A 187 2.96 4.38 11.65
CA GLY A 187 2.31 5.22 12.64
C GLY A 187 2.12 6.66 12.19
N GLU A 188 1.24 7.38 12.89
CA GLU A 188 0.97 8.78 12.56
C GLU A 188 2.07 9.74 12.94
N ASN A 189 3.00 9.31 13.77
CA ASN A 189 4.10 10.16 14.20
C ASN A 189 5.24 10.20 13.19
N TRP A 190 5.16 9.38 12.16
CA TRP A 190 6.20 9.37 11.14
C TRP A 190 5.80 10.27 9.98
N GLY A 191 6.78 10.91 9.36
CA GLY A 191 6.52 11.80 8.23
C GLY A 191 5.50 12.88 8.53
N ASN A 192 4.64 13.17 7.55
CA ASN A 192 3.61 14.19 7.72
C ASN A 192 2.31 13.49 8.11
N LYS A 193 2.15 13.22 9.41
CA LYS A 193 0.97 12.52 9.91
C LYS A 193 0.84 11.15 9.27
N GLY A 194 1.97 10.49 9.05
CA GLY A 194 1.98 9.16 8.48
C GLY A 194 2.13 9.08 6.97
N TYR A 195 2.12 10.24 6.30
CA TYR A 195 2.25 10.30 4.85
C TYR A 195 3.54 10.94 4.37
N ILE A 196 3.84 10.71 3.09
CA ILE A 196 5.01 11.29 2.46
C ILE A 196 4.66 11.61 1.00
N LEU A 197 5.16 12.75 0.52
CA LEU A 197 4.93 13.14 -0.87
C LEU A 197 6.23 12.76 -1.57
N MET A 198 6.14 11.89 -2.57
CA MET A 198 7.33 11.46 -3.30
C MET A 198 7.35 11.97 -4.75
N ALA A 199 8.53 12.35 -5.21
CA ALA A 199 8.68 12.88 -6.56
C ALA A 199 8.05 12.04 -7.65
N ARG A 200 7.27 12.70 -8.51
CA ARG A 200 6.58 12.05 -9.62
C ARG A 200 7.19 12.52 -10.94
N ASN A 201 7.34 11.59 -11.89
CA ASN A 201 7.91 11.89 -13.20
C ASN A 201 9.37 12.35 -13.13
N LYS A 202 10.10 11.84 -12.15
CA LYS A 202 11.52 12.15 -12.03
C LYS A 202 12.29 10.85 -12.25
N ASN A 203 12.04 10.24 -13.41
N ASN A 203 12.04 10.24 -13.41
CA ASN A 203 12.69 9.00 -13.78
CA ASN A 203 12.68 9.00 -13.78
C ASN A 203 12.47 7.85 -12.80
C ASN A 203 12.46 7.85 -12.80
N ASN A 204 11.21 7.62 -12.43
CA ASN A 204 10.86 6.51 -11.54
C ASN A 204 11.68 6.55 -10.24
N ALA A 205 11.72 7.72 -9.60
CA ALA A 205 12.47 7.92 -8.37
C ALA A 205 12.12 6.91 -7.29
N CYS A 206 13.17 6.31 -6.71
CA CYS A 206 13.02 5.30 -5.65
C CYS A 206 12.28 4.04 -6.12
N GLY A 207 12.14 3.88 -7.43
CA GLY A 207 11.47 2.71 -7.97
C GLY A 207 9.96 2.64 -7.77
N ILE A 208 9.33 3.79 -7.60
CA ILE A 208 7.89 3.89 -7.35
C ILE A 208 7.00 3.08 -8.30
N ALA A 209 7.40 2.92 -9.56
CA ALA A 209 6.59 2.16 -10.51
C ALA A 209 7.16 0.80 -10.92
N ASN A 210 8.08 0.26 -10.12
CA ASN A 210 8.69 -1.02 -10.48
C ASN A 210 7.96 -2.27 -10.01
N LEU A 211 7.12 -2.14 -8.99
CA LEU A 211 6.37 -3.30 -8.48
C LEU A 211 5.01 -2.83 -7.96
N ALA A 212 4.22 -2.27 -8.86
CA ALA A 212 2.90 -1.75 -8.50
C ALA A 212 1.80 -2.68 -8.97
N SER A 213 0.73 -2.79 -8.17
CA SER A 213 -0.39 -3.65 -8.52
C SER A 213 -1.64 -3.22 -7.75
N PHE A 214 -2.79 -3.68 -8.23
CA PHE A 214 -4.05 -3.36 -7.57
C PHE A 214 -5.00 -4.53 -7.72
N PRO A 215 -5.92 -4.70 -6.77
CA PRO A 215 -6.89 -5.80 -6.81
C PRO A 215 -8.14 -5.51 -7.64
N LYS A 216 -8.73 -6.56 -8.17
CA LYS A 216 -9.95 -6.45 -8.96
C LYS A 216 -11.06 -6.89 -8.03
N MET A 217 -12.17 -6.15 -8.01
CA MET A 217 -13.27 -6.50 -7.13
C MET A 217 -14.60 -6.55 -7.88
#